data_7TDR
#
_entry.id   7TDR
#
_cell.length_a   109.943
_cell.length_b   109.943
_cell.length_c   141.428
_cell.angle_alpha   90.000
_cell.angle_beta   90.000
_cell.angle_gamma   90.000
#
_symmetry.space_group_name_H-M   'P 43 21 2'
#
loop_
_entity.id
_entity.type
_entity.pdbx_description
1 polymer '34k2 salivary protein'
2 non-polymer 'SULFATE ION'
3 non-polymer 'NITRATE ION'
4 water water
#
_entity_poly.entity_id   1
_entity_poly.type   'polypeptide(L)'
_entity_poly.pdbx_seq_one_letter_code
;GNPTPKSCTVSEEDLTTIRNAIQKASRASLDDVNLDEDLIAKCPLLKTITASLKSVASEIATLKDTGISEEQVDELKQSY
EQQVNEIVKSRDIFEKQSGGDV(MSE)KEQGA(MSE)INR(MSE)TELQVQVAQLQQQIGEQTSR(MSE)YDD(MSE)AE
LIFQRLA(MSE)NSTDSIRNYTAH(MSE)(MSE)EQKLHTL(MSE)TKLETNYRIFLGALRYLDHLGDQPLIDKVFDGIL
KRLDE(MSE)SLETNKERENGKYVLVNLLCWTVNNRFLTEKYRKKQLELFRIALKFYPKTGNKEANEADIRGRQFCDANF
PVNVITWFAVSRAAEGWGLRGTLAAA
;
_entity_poly.pdbx_strand_id   A
#
loop_
_chem_comp.id
_chem_comp.type
_chem_comp.name
_chem_comp.formula
NO3 non-polymer 'NITRATE ION' 'N O3 -1'
SO4 non-polymer 'SULFATE ION' 'O4 S -2'
#
# COMPACT_ATOMS: atom_id res chain seq x y z
N LYS A 6 26.83 -1.80 -11.08
CA LYS A 6 27.34 -0.45 -10.87
C LYS A 6 28.26 -0.39 -9.66
N SER A 7 28.89 0.77 -9.45
CA SER A 7 29.73 1.02 -8.29
C SER A 7 29.41 2.40 -7.74
N CYS A 8 29.63 2.58 -6.45
CA CYS A 8 29.31 3.82 -5.75
C CYS A 8 30.58 4.47 -5.25
N THR A 9 30.87 5.67 -5.75
CA THR A 9 31.90 6.54 -5.21
C THR A 9 31.26 7.86 -4.82
N VAL A 10 31.59 8.35 -3.63
CA VAL A 10 31.07 9.62 -3.12
C VAL A 10 32.24 10.40 -2.54
N SER A 11 32.40 11.65 -2.99
CA SER A 11 33.47 12.47 -2.44
C SER A 11 33.09 12.97 -1.05
N GLU A 12 34.08 13.50 -0.34
CA GLU A 12 33.86 13.91 1.05
C GLU A 12 32.79 14.98 1.15
N GLU A 13 32.82 15.98 0.26
CA GLU A 13 31.84 17.06 0.34
C GLU A 13 30.48 16.62 -0.15
N ASP A 14 30.42 15.65 -1.07
CA ASP A 14 29.14 15.18 -1.57
C ASP A 14 28.38 14.39 -0.52
N LEU A 15 29.10 13.70 0.37
CA LEU A 15 28.44 13.04 1.49
C LEU A 15 27.74 14.04 2.39
N THR A 16 28.38 15.20 2.61
CA THR A 16 27.73 16.26 3.37
C THR A 16 26.45 16.72 2.68
N THR A 17 26.50 16.84 1.34
CA THR A 17 25.32 17.24 0.59
C THR A 17 24.21 16.21 0.72
N ILE A 18 24.55 14.92 0.66
CA ILE A 18 23.55 13.86 0.83
C ILE A 18 22.91 13.95 2.20
N ARG A 19 23.71 14.21 3.23
CA ARG A 19 23.19 14.29 4.60
C ARG A 19 22.16 15.41 4.73
N ASN A 20 22.42 16.55 4.11
CA ASN A 20 21.47 17.67 4.21
C ASN A 20 20.21 17.41 3.40
N ALA A 21 20.35 16.78 2.23
CA ALA A 21 19.17 16.46 1.43
C ALA A 21 18.24 15.50 2.15
N ILE A 22 18.80 14.57 2.93
CA ILE A 22 17.96 13.66 3.71
C ILE A 22 17.29 14.40 4.85
N GLN A 23 17.98 15.38 5.45
CA GLN A 23 17.37 16.20 6.48
C GLN A 23 16.20 17.01 5.92
N LYS A 24 16.37 17.58 4.72
CA LYS A 24 15.35 18.45 4.16
C LYS A 24 14.08 17.69 3.80
N ALA A 25 14.20 16.41 3.43
CA ALA A 25 13.03 15.62 3.07
C ALA A 25 12.24 15.14 4.28
N SER A 26 12.68 15.47 5.50
CA SER A 26 12.00 15.00 6.70
C SER A 26 11.01 16.01 7.27
N ARG A 27 11.16 17.28 6.95
CA ARG A 27 10.46 18.34 7.66
C ARG A 27 9.70 19.24 6.69
N ALA A 28 8.72 19.94 7.23
CA ALA A 28 7.93 20.93 6.50
C ALA A 28 7.17 20.31 5.32
N SER A 29 7.55 20.69 4.10
CA SER A 29 6.81 20.27 2.91
C SER A 29 7.16 18.85 2.47
N LEU A 30 8.23 18.26 3.00
CA LEU A 30 8.68 16.92 2.64
C LEU A 30 8.86 16.80 1.13
N ASP A 31 9.74 17.64 0.60
CA ASP A 31 9.96 17.71 -0.83
C ASP A 31 10.86 16.56 -1.30
N ASP A 32 10.82 16.32 -2.61
CA ASP A 32 11.69 15.31 -3.21
C ASP A 32 13.15 15.63 -2.95
N VAL A 33 13.90 14.61 -2.51
CA VAL A 33 15.34 14.73 -2.43
C VAL A 33 15.86 15.06 -3.81
N ASN A 34 16.39 16.26 -4.00
CA ASN A 34 16.92 16.69 -5.28
C ASN A 34 18.44 16.72 -5.18
N LEU A 35 19.10 15.86 -5.96
CA LEU A 35 20.54 15.77 -5.99
C LEU A 35 21.04 15.88 -7.42
N ASP A 36 22.25 16.43 -7.57
CA ASP A 36 22.84 16.58 -8.90
C ASP A 36 22.98 15.22 -9.58
N GLU A 37 22.81 15.23 -10.90
CA GLU A 37 22.91 13.99 -11.66
C GLU A 37 24.33 13.45 -11.67
N ASP A 38 25.33 14.35 -11.74
CA ASP A 38 26.72 13.93 -11.58
C ASP A 38 26.91 13.14 -10.30
N LEU A 39 26.30 13.61 -9.20
CA LEU A 39 26.40 12.90 -7.93
C LEU A 39 25.66 11.58 -7.97
N ILE A 40 24.48 11.56 -8.60
CA ILE A 40 23.69 10.32 -8.70
C ILE A 40 24.41 9.31 -9.58
N ALA A 41 25.06 9.78 -10.65
CA ALA A 41 25.71 8.87 -11.59
C ALA A 41 26.85 8.11 -10.94
N LYS A 42 27.65 8.79 -10.11
CA LYS A 42 28.79 8.14 -9.46
C LYS A 42 28.36 7.19 -8.34
N CYS A 43 27.08 7.19 -7.96
CA CYS A 43 26.59 6.31 -6.90
C CYS A 43 25.10 6.06 -7.10
N PRO A 44 24.72 5.15 -8.01
CA PRO A 44 23.29 4.95 -8.30
C PRO A 44 22.49 4.38 -7.14
N LEU A 45 23.13 3.93 -6.06
CA LEU A 45 22.39 3.52 -4.86
C LEU A 45 21.46 4.62 -4.38
N LEU A 46 21.84 5.88 -4.60
CA LEU A 46 21.09 7.00 -4.05
C LEU A 46 19.71 7.12 -4.65
N LYS A 47 19.50 6.63 -5.86
CA LYS A 47 18.16 6.61 -6.45
C LYS A 47 17.21 5.79 -5.59
N THR A 48 17.69 4.66 -5.07
CA THR A 48 16.86 3.84 -4.18
C THR A 48 16.49 4.60 -2.92
N ILE A 49 17.48 5.23 -2.28
CA ILE A 49 17.20 5.99 -1.06
C ILE A 49 16.27 7.15 -1.35
N THR A 50 16.51 7.86 -2.45
CA THR A 50 15.63 8.97 -2.84
C THR A 50 14.20 8.51 -3.04
N ALA A 51 14.03 7.39 -3.76
CA ALA A 51 12.68 6.89 -4.04
C ALA A 51 11.97 6.47 -2.77
N SER A 52 12.71 5.91 -1.81
CA SER A 52 12.09 5.43 -0.57
C SER A 52 11.52 6.59 0.25
N LEU A 53 12.31 7.64 0.45
CA LEU A 53 11.83 8.80 1.21
C LEU A 53 10.68 9.48 0.49
N LYS A 54 10.70 9.50 -0.83
CA LYS A 54 9.58 10.07 -1.58
C LYS A 54 8.31 9.25 -1.38
N SER A 55 8.44 7.92 -1.33
CA SER A 55 7.28 7.06 -1.11
C SER A 55 6.63 7.33 0.25
N VAL A 56 7.45 7.47 1.30
CA VAL A 56 6.90 7.76 2.61
C VAL A 56 6.20 9.11 2.62
N ALA A 57 6.76 10.09 1.90
CA ALA A 57 6.13 11.40 1.82
C ALA A 57 4.78 11.32 1.12
N SER A 58 4.73 10.62 -0.02
CA SER A 58 3.46 10.45 -0.72
C SER A 58 2.44 9.73 0.16
N GLU A 59 2.88 8.70 0.88
CA GLU A 59 1.98 7.95 1.75
C GLU A 59 1.42 8.83 2.87
N ILE A 60 2.26 9.70 3.44
CA ILE A 60 1.79 10.61 4.48
C ILE A 60 0.81 11.63 3.90
N ALA A 61 1.09 12.12 2.69
CA ALA A 61 0.19 13.07 2.05
C ALA A 61 -1.15 12.43 1.74
N THR A 62 -1.14 11.17 1.31
CA THR A 62 -2.39 10.46 1.07
C THR A 62 -3.22 10.33 2.34
N LEU A 63 -2.57 10.24 3.50
CA LEU A 63 -3.31 10.16 4.76
C LEU A 63 -4.07 11.44 5.05
N LYS A 64 -3.54 12.60 4.63
CA LYS A 64 -4.23 13.86 4.88
C LYS A 64 -5.62 13.88 4.24
N ASP A 65 -5.71 13.48 2.97
CA ASP A 65 -6.99 13.47 2.28
C ASP A 65 -7.80 12.22 2.63
N THR A 66 -7.96 11.99 3.93
CA THR A 66 -8.74 10.88 4.47
C THR A 66 -9.41 11.37 5.74
N GLY A 67 -10.40 10.63 6.21
CA GLY A 67 -11.11 11.00 7.41
C GLY A 67 -10.35 10.72 8.69
N ILE A 68 -9.04 10.98 8.70
CA ILE A 68 -8.18 10.73 9.85
C ILE A 68 -8.08 12.00 10.67
N SER A 69 -7.99 11.84 11.99
CA SER A 69 -7.82 12.97 12.89
C SER A 69 -6.56 13.74 12.53
N GLU A 70 -6.65 15.07 12.56
CA GLU A 70 -5.48 15.90 12.32
C GLU A 70 -4.40 15.63 13.37
N GLU A 71 -4.80 15.29 14.59
CA GLU A 71 -3.85 14.85 15.60
C GLU A 71 -3.08 13.61 15.13
N GLN A 72 -3.81 12.65 14.55
CA GLN A 72 -3.19 11.40 14.12
C GLN A 72 -2.14 11.64 13.04
N VAL A 73 -2.48 12.45 12.04
CA VAL A 73 -1.54 12.72 10.95
C VAL A 73 -0.33 13.50 11.47
N ASP A 74 -0.56 14.46 12.38
CA ASP A 74 0.56 15.21 12.96
C ASP A 74 1.46 14.29 13.78
N GLU A 75 0.86 13.39 14.57
CA GLU A 75 1.64 12.43 15.34
C GLU A 75 2.50 11.54 14.44
N LEU A 76 1.99 11.21 13.25
CA LEU A 76 2.78 10.41 12.32
C LEU A 76 3.88 11.24 11.67
N LYS A 77 3.61 12.52 11.39
CA LYS A 77 4.63 13.38 10.84
C LYS A 77 5.80 13.55 11.81
N GLN A 78 5.51 13.59 13.11
CA GLN A 78 6.59 13.71 14.09
C GLN A 78 7.44 12.45 14.16
N SER A 79 6.79 11.28 14.13
CA SER A 79 7.53 10.03 14.15
C SER A 79 8.46 9.93 12.94
N TYR A 80 7.94 10.30 11.76
CA TYR A 80 8.76 10.27 10.55
C TYR A 80 9.96 11.21 10.68
N GLU A 81 9.72 12.44 11.15
CA GLU A 81 10.82 13.41 11.28
C GLU A 81 11.82 12.96 12.34
N GLN A 82 11.34 12.44 13.47
CA GLN A 82 12.25 11.97 14.51
CA GLN A 82 12.25 11.97 14.51
C GLN A 82 13.11 10.82 14.01
N GLN A 83 12.55 9.95 13.17
CA GLN A 83 13.29 8.79 12.69
C GLN A 83 14.29 9.17 11.60
N VAL A 84 13.94 10.14 10.74
CA VAL A 84 14.92 10.61 9.77
C VAL A 84 16.06 11.34 10.46
N ASN A 85 15.75 12.14 11.49
CA ASN A 85 16.79 12.80 12.26
C ASN A 85 17.74 11.79 12.88
N GLU A 86 17.21 10.63 13.30
CA GLU A 86 18.07 9.57 13.81
C GLU A 86 19.06 9.10 12.75
N ILE A 87 18.59 8.95 11.51
CA ILE A 87 19.49 8.56 10.42
C ILE A 87 20.52 9.65 10.17
N VAL A 88 20.10 10.91 10.20
CA VAL A 88 21.01 12.02 9.94
C VAL A 88 22.12 12.08 10.98
N LYS A 89 21.82 11.73 12.23
CA LYS A 89 22.82 11.76 13.29
C LYS A 89 23.69 10.51 13.35
N SER A 90 23.54 9.58 12.41
CA SER A 90 24.26 8.31 12.46
C SER A 90 25.74 8.54 12.21
N ARG A 91 26.56 8.27 13.22
CA ARG A 91 28.01 8.40 13.06
C ARG A 91 28.57 7.35 12.12
N ASP A 92 27.95 6.17 12.07
CA ASP A 92 28.41 5.13 11.16
C ASP A 92 28.27 5.55 9.70
N ILE A 93 27.23 6.32 9.38
CA ILE A 93 26.98 6.68 7.99
C ILE A 93 27.74 7.94 7.60
N PHE A 94 27.64 8.99 8.42
CA PHE A 94 27.97 10.33 7.97
C PHE A 94 29.22 10.95 8.60
N GLU A 95 29.61 10.55 9.80
CA GLU A 95 30.71 11.21 10.49
C GLU A 95 32.01 10.44 10.32
N LYS A 96 33.11 11.13 10.59
CA LYS A 96 34.44 10.55 10.46
C LYS A 96 34.64 9.46 11.49
N GLN A 97 35.36 8.40 11.09
CA GLN A 97 35.74 7.35 12.02
C GLN A 97 36.61 7.92 13.12
N SER A 98 36.38 7.48 14.36
CA SER A 98 37.14 7.95 15.50
C SER A 98 37.46 6.79 16.42
N GLY A 99 38.62 6.86 17.07
CA GLY A 99 39.01 5.88 18.06
C GLY A 99 39.21 4.48 17.52
N GLY A 100 38.32 3.57 17.92
CA GLY A 100 38.53 2.15 17.64
C GLY A 100 38.36 1.79 16.18
N ASP A 101 37.42 2.42 15.50
CA ASP A 101 37.13 2.13 14.09
C ASP A 101 37.88 3.04 13.13
N VAL A 102 39.08 3.48 13.53
CA VAL A 102 39.80 4.50 12.77
C VAL A 102 40.02 4.06 11.32
N MSE A 103 40.43 2.81 11.12
CA MSE A 103 40.62 2.29 9.77
C MSE A 103 39.82 1.01 9.56
O MSE A 103 40.29 0.08 8.90
CB MSE A 103 42.10 2.04 9.48
CG MSE A 103 42.93 3.30 9.26
SE MSE A 103 42.51 4.23 7.58
CE MSE A 103 43.07 2.87 6.32
N LYS A 104 38.61 0.95 10.11
CA LYS A 104 37.73 -0.18 9.83
C LYS A 104 37.19 -0.07 8.42
N GLU A 105 36.72 -1.21 7.90
CA GLU A 105 36.23 -1.26 6.53
C GLU A 105 34.85 -0.62 6.38
N GLN A 106 34.08 -0.54 7.47
CA GLN A 106 32.78 0.12 7.40
C GLN A 106 32.90 1.61 7.09
N GLY A 107 34.11 2.17 7.13
CA GLY A 107 34.34 3.55 6.73
C GLY A 107 34.37 3.78 5.23
N ALA A 108 34.52 2.72 4.43
CA ALA A 108 34.46 2.86 2.99
C ALA A 108 33.07 3.30 2.55
N MSE A 109 33.03 4.05 1.46
CA MSE A 109 31.79 4.67 0.98
C MSE A 109 30.67 3.66 0.73
O MSE A 109 29.54 3.88 1.15
CB MSE A 109 32.05 5.46 -0.30
CG MSE A 109 32.26 6.94 -0.03
SE MSE A 109 30.82 7.67 1.07
CE MSE A 109 31.75 9.28 1.69
N ILE A 110 31.00 2.57 0.04
CA ILE A 110 29.99 1.57 -0.29
C ILE A 110 29.36 0.99 0.98
N ASN A 111 30.13 0.89 2.06
CA ASN A 111 29.58 0.38 3.31
C ASN A 111 28.72 1.43 4.01
N ARG A 112 29.15 2.69 3.97
CA ARG A 112 28.34 3.77 4.54
C ARG A 112 27.01 3.86 3.82
N MSE A 113 27.02 3.76 2.49
CA MSE A 113 25.81 3.91 1.69
C MSE A 113 24.90 2.69 1.83
O MSE A 113 23.68 2.81 1.80
CB MSE A 113 26.16 4.15 0.23
CG MSE A 113 26.83 5.51 -0.02
SE MSE A 113 25.72 7.03 0.55
CE MSE A 113 26.37 7.27 2.38
N THR A 114 25.51 1.51 1.99
CA THR A 114 24.72 0.31 2.26
C THR A 114 23.98 0.43 3.58
N GLU A 115 24.66 0.92 4.62
CA GLU A 115 23.99 1.13 5.90
C GLU A 115 22.92 2.21 5.81
N LEU A 116 23.12 3.21 4.95
CA LEU A 116 22.08 4.20 4.71
C LEU A 116 20.87 3.56 4.03
N GLN A 117 21.11 2.68 3.03
CA GLN A 117 20.02 1.94 2.42
C GLN A 117 19.23 1.15 3.45
N VAL A 118 19.93 0.46 4.35
CA VAL A 118 19.25 -0.39 5.34
C VAL A 118 18.40 0.46 6.27
N GLN A 119 18.96 1.55 6.79
CA GLN A 119 18.22 2.37 7.75
C GLN A 119 17.04 3.07 7.11
N VAL A 120 17.15 3.46 5.84
CA VAL A 120 16.02 4.08 5.17
C VAL A 120 14.96 3.03 4.83
N ALA A 121 15.40 1.83 4.43
CA ALA A 121 14.46 0.75 4.18
C ALA A 121 13.71 0.37 5.45
N GLN A 122 14.40 0.32 6.58
CA GLN A 122 13.74 0.00 7.84
C GLN A 122 12.81 1.12 8.27
N LEU A 123 13.22 2.38 8.03
CA LEU A 123 12.33 3.51 8.29
C LEU A 123 11.04 3.37 7.47
N GLN A 124 11.17 2.99 6.21
CA GLN A 124 9.99 2.80 5.37
C GLN A 124 9.09 1.69 5.92
N GLN A 125 9.69 0.58 6.35
CA GLN A 125 8.91 -0.50 6.94
C GLN A 125 8.23 -0.04 8.23
N GLN A 126 8.95 0.70 9.06
CA GLN A 126 8.40 1.15 10.34
C GLN A 126 7.19 2.06 10.12
N ILE A 127 7.34 3.07 9.24
CA ILE A 127 6.23 3.95 8.93
C ILE A 127 5.09 3.18 8.28
N GLY A 128 5.42 2.14 7.49
CA GLY A 128 4.39 1.33 6.87
C GLY A 128 3.54 0.61 7.90
N GLU A 129 4.17 0.05 8.93
CA GLU A 129 3.42 -0.60 10.00
C GLU A 129 2.56 0.40 10.76
N GLN A 130 3.07 1.63 10.94
CA GLN A 130 2.31 2.65 11.65
C GLN A 130 1.04 3.02 10.89
N THR A 131 1.19 3.32 9.60
CA THR A 131 0.02 3.71 8.80
C THR A 131 -0.94 2.55 8.63
N SER A 132 -0.43 1.31 8.59
CA SER A 132 -1.31 0.15 8.49
C SER A 132 -2.26 0.07 9.67
N ARG A 133 -1.76 0.35 10.88
CA ARG A 133 -2.62 0.36 12.06
C ARG A 133 -3.68 1.44 11.95
N MSE A 134 -3.32 2.59 11.39
CA MSE A 134 -4.25 3.71 11.24
C MSE A 134 -5.32 3.39 10.18
O MSE A 134 -6.47 3.82 10.32
CB MSE A 134 -3.51 4.98 10.86
CG MSE A 134 -2.52 5.45 11.92
SE MSE A 134 -1.43 6.96 11.37
CE MSE A 134 -2.82 8.29 11.14
N TYR A 135 -4.94 2.66 9.15
CA TYR A 135 -5.92 2.23 8.15
C TYR A 135 -6.83 1.15 8.73
N ASP A 136 -6.31 0.32 9.64
CA ASP A 136 -7.17 -0.59 10.37
C ASP A 136 -8.23 0.18 11.15
N ASP A 137 -7.82 1.22 11.86
CA ASP A 137 -8.75 2.00 12.67
C ASP A 137 -9.77 2.73 11.80
N MSE A 138 -9.32 3.32 10.70
CA MSE A 138 -10.20 4.06 9.81
C MSE A 138 -11.27 3.13 9.24
O MSE A 138 -12.46 3.48 9.19
CB MSE A 138 -9.43 4.73 8.68
CG MSE A 138 -10.27 5.68 7.85
SE MSE A 138 -11.02 7.09 8.98
CE MSE A 138 -12.88 6.99 8.41
N ALA A 139 -10.85 1.95 8.80
CA ALA A 139 -11.80 0.99 8.25
C ALA A 139 -12.84 0.59 9.29
N GLU A 140 -12.40 0.30 10.51
CA GLU A 140 -13.33 -0.06 11.57
C GLU A 140 -14.32 1.08 11.84
N LEU A 141 -13.84 2.33 11.84
CA LEU A 141 -14.73 3.46 12.08
C LEU A 141 -15.81 3.54 11.01
N ILE A 142 -15.47 3.22 9.77
CA ILE A 142 -16.45 3.25 8.69
C ILE A 142 -17.57 2.25 8.94
N PHE A 143 -17.20 1.02 9.34
CA PHE A 143 -18.21 0.02 9.67
C PHE A 143 -19.07 0.45 10.86
N GLN A 144 -18.45 1.09 11.85
CA GLN A 144 -19.20 1.53 13.03
C GLN A 144 -20.14 2.67 12.69
N ARG A 145 -19.64 3.71 11.98
CA ARG A 145 -20.49 4.84 11.62
C ARG A 145 -21.66 4.41 10.75
N LEU A 146 -21.45 3.43 9.87
CA LEU A 146 -22.53 2.95 9.02
C LEU A 146 -23.39 1.89 9.69
N ALA A 147 -23.11 1.56 10.95
CA ALA A 147 -23.92 0.64 11.74
C ALA A 147 -24.01 -0.73 11.06
N MSE A 148 -22.87 -1.22 10.62
CA MSE A 148 -22.78 -2.57 10.07
C MSE A 148 -21.50 -3.24 10.49
O MSE A 148 -20.78 -3.81 9.67
CB MSE A 148 -22.86 -2.53 8.55
CG MSE A 148 -22.77 -1.16 7.95
SE MSE A 148 -22.38 -1.24 6.06
CE MSE A 148 -23.15 -2.99 5.63
N ASN A 149 -21.20 -3.19 11.79
CA ASN A 149 -19.97 -3.73 12.34
C ASN A 149 -20.16 -5.10 12.99
N SER A 150 -21.31 -5.73 12.81
CA SER A 150 -21.56 -7.02 13.45
C SER A 150 -22.78 -7.67 12.81
N THR A 151 -22.93 -8.98 13.07
CA THR A 151 -24.15 -9.68 12.69
C THR A 151 -25.37 -9.04 13.33
N ASP A 152 -25.26 -8.64 14.60
CA ASP A 152 -26.39 -8.02 15.29
C ASP A 152 -26.80 -6.72 14.62
N SER A 153 -25.83 -5.92 14.18
CA SER A 153 -26.15 -4.61 13.61
C SER A 153 -26.85 -4.70 12.27
N ILE A 154 -26.67 -5.79 11.53
CA ILE A 154 -27.25 -5.95 10.20
C ILE A 154 -28.41 -6.93 10.19
N ARG A 155 -28.73 -7.55 11.32
CA ARG A 155 -29.75 -8.60 11.35
C ARG A 155 -31.10 -8.08 10.90
N ASN A 156 -31.46 -6.86 11.31
CA ASN A 156 -32.79 -6.32 11.09
C ASN A 156 -32.87 -5.41 9.86
N TYR A 157 -31.90 -5.49 8.96
CA TYR A 157 -31.94 -4.71 7.72
C TYR A 157 -32.75 -5.47 6.67
N THR A 158 -33.64 -4.77 5.99
CA THR A 158 -34.31 -5.37 4.85
C THR A 158 -33.32 -5.61 3.72
N ALA A 159 -33.76 -6.35 2.71
CA ALA A 159 -32.90 -6.59 1.54
C ALA A 159 -32.55 -5.29 0.84
N HIS A 160 -33.53 -4.39 0.71
CA HIS A 160 -33.26 -3.12 0.05
C HIS A 160 -32.32 -2.26 0.88
N MSE A 161 -32.48 -2.27 2.20
CA MSE A 161 -31.63 -1.49 3.09
C MSE A 161 -30.21 -2.03 3.13
O MSE A 161 -29.23 -1.28 3.14
CB MSE A 161 -32.22 -1.45 4.50
CG MSE A 161 -31.39 -0.67 5.50
SE MSE A 161 -31.13 1.19 4.96
CE MSE A 161 -33.01 1.74 4.84
N MSE A 162 -30.09 -3.36 3.17
CA MSE A 162 -28.79 -4.02 3.16
C MSE A 162 -28.03 -3.67 1.89
O MSE A 162 -26.85 -3.33 1.94
CB MSE A 162 -28.97 -5.55 3.26
CG MSE A 162 -27.64 -6.29 3.34
SE MSE A 162 -26.76 -6.04 5.06
CE MSE A 162 -27.83 -7.30 6.10
N GLU A 163 -28.74 -3.75 0.76
CA GLU A 163 -28.15 -3.36 -0.52
C GLU A 163 -27.70 -1.90 -0.48
N GLN A 164 -28.48 -1.03 0.16
CA GLN A 164 -28.14 0.38 0.22
C GLN A 164 -26.93 0.63 1.11
N LYS A 165 -26.88 -0.02 2.28
CA LYS A 165 -25.73 0.12 3.16
C LYS A 165 -24.45 -0.38 2.49
N LEU A 166 -24.54 -1.53 1.80
CA LEU A 166 -23.35 -2.10 1.18
C LEU A 166 -22.80 -1.20 0.08
N HIS A 167 -23.69 -0.53 -0.66
CA HIS A 167 -23.23 0.40 -1.70
C HIS A 167 -22.52 1.59 -1.09
N THR A 168 -23.11 2.19 -0.05
CA THR A 168 -22.47 3.30 0.65
C THR A 168 -21.12 2.88 1.21
N LEU A 169 -21.05 1.69 1.80
CA LEU A 169 -19.78 1.18 2.32
C LEU A 169 -18.72 1.12 1.22
N MSE A 170 -19.08 0.58 0.06
CA MSE A 170 -18.13 0.44 -1.05
C MSE A 170 -17.61 1.78 -1.56
O MSE A 170 -16.43 1.89 -1.87
CB MSE A 170 -18.78 -0.34 -2.20
CG MSE A 170 -18.98 -1.81 -1.90
SE MSE A 170 -17.36 -2.59 -1.10
CE MSE A 170 -16.06 -2.19 -2.51
N THR A 171 -18.47 2.80 -1.63
CA THR A 171 -18.01 4.11 -2.07
C THR A 171 -16.98 4.72 -1.11
N LYS A 172 -16.98 4.29 0.15
CA LYS A 172 -15.99 4.78 1.11
C LYS A 172 -14.71 3.95 1.08
N LEU A 173 -14.84 2.62 0.95
CA LEU A 173 -13.66 1.75 0.97
C LEU A 173 -12.88 1.82 -0.33
N GLU A 174 -13.53 2.02 -1.47
CA GLU A 174 -12.88 1.79 -2.77
C GLU A 174 -11.89 2.90 -3.14
N THR A 175 -12.03 4.09 -2.56
CA THR A 175 -11.23 5.23 -3.01
C THR A 175 -9.78 5.17 -2.55
N ASN A 176 -9.47 4.35 -1.56
CA ASN A 176 -8.11 4.18 -1.05
C ASN A 176 -7.93 2.70 -0.76
N TYR A 177 -7.06 2.03 -1.53
CA TYR A 177 -6.92 0.58 -1.39
C TYR A 177 -6.40 0.19 -0.01
N ARG A 178 -5.66 1.09 0.65
CA ARG A 178 -5.21 0.82 2.01
C ARG A 178 -6.38 0.76 2.97
N ILE A 179 -7.41 1.60 2.76
CA ILE A 179 -8.63 1.51 3.56
C ILE A 179 -9.34 0.20 3.27
N PHE A 180 -9.42 -0.18 1.99
CA PHE A 180 -10.04 -1.45 1.62
C PHE A 180 -9.32 -2.62 2.28
N LEU A 181 -7.98 -2.62 2.24
CA LEU A 181 -7.23 -3.66 2.92
C LEU A 181 -7.53 -3.67 4.41
N GLY A 182 -7.61 -2.49 5.02
CA GLY A 182 -7.95 -2.41 6.42
C GLY A 182 -9.32 -2.99 6.73
N ALA A 183 -10.27 -2.82 5.81
CA ALA A 183 -11.60 -3.39 6.00
C ALA A 183 -11.53 -4.92 5.99
N LEU A 184 -10.74 -5.49 5.08
CA LEU A 184 -10.61 -6.94 5.03
C LEU A 184 -9.93 -7.48 6.28
N ARG A 185 -8.90 -6.78 6.76
CA ARG A 185 -8.25 -7.20 8.01
C ARG A 185 -9.21 -7.07 9.19
N TYR A 186 -10.04 -6.04 9.18
CA TYR A 186 -11.02 -5.87 10.26
C TYR A 186 -12.04 -6.99 10.26
N LEU A 187 -12.54 -7.36 9.07
CA LEU A 187 -13.50 -8.45 9.00
C LEU A 187 -12.87 -9.78 9.38
N ASP A 188 -11.62 -10.00 8.96
CA ASP A 188 -10.94 -11.24 9.32
C ASP A 188 -10.80 -11.39 10.83
N HIS A 189 -10.32 -10.35 11.49
CA HIS A 189 -10.13 -10.43 12.94
C HIS A 189 -11.45 -10.55 13.68
N LEU A 190 -12.51 -9.89 13.19
CA LEU A 190 -13.80 -9.96 13.87
C LEU A 190 -14.38 -11.38 13.81
N GLY A 191 -14.10 -12.13 12.75
CA GLY A 191 -14.61 -13.47 12.64
C GLY A 191 -16.13 -13.56 12.55
N ASP A 192 -16.78 -12.50 12.09
CA ASP A 192 -18.24 -12.46 11.97
C ASP A 192 -18.60 -12.87 10.55
N GLN A 193 -18.98 -14.14 10.38
CA GLN A 193 -19.13 -14.72 9.04
C GLN A 193 -20.35 -14.20 8.29
N PRO A 194 -21.53 -14.04 8.93
CA PRO A 194 -22.65 -13.41 8.21
C PRO A 194 -22.31 -12.03 7.66
N LEU A 195 -21.43 -11.29 8.32
CA LEU A 195 -21.02 -9.98 7.82
C LEU A 195 -20.04 -10.10 6.65
N ILE A 196 -19.09 -11.03 6.75
CA ILE A 196 -18.19 -11.30 5.63
C ILE A 196 -18.98 -11.71 4.41
N ASP A 197 -19.99 -12.57 4.61
CA ASP A 197 -20.84 -13.03 3.51
C ASP A 197 -21.47 -11.85 2.77
N LYS A 198 -22.02 -10.89 3.52
CA LYS A 198 -22.70 -9.76 2.89
C LYS A 198 -21.71 -8.80 2.24
N VAL A 199 -20.56 -8.56 2.88
CA VAL A 199 -19.56 -7.67 2.31
C VAL A 199 -19.02 -8.24 1.00
N PHE A 200 -18.86 -9.57 0.93
CA PHE A 200 -18.47 -10.20 -0.32
C PHE A 200 -19.49 -9.90 -1.42
N ASP A 201 -20.78 -10.09 -1.11
CA ASP A 201 -21.84 -9.77 -2.07
C ASP A 201 -21.77 -8.30 -2.48
N GLY A 202 -21.53 -7.42 -1.52
CA GLY A 202 -21.51 -5.99 -1.83
C GLY A 202 -20.32 -5.59 -2.69
N ILE A 203 -19.16 -6.20 -2.45
CA ILE A 203 -17.98 -5.93 -3.29
C ILE A 203 -18.28 -6.34 -4.72
N LEU A 204 -18.85 -7.52 -4.92
CA LEU A 204 -19.13 -8.00 -6.27
C LEU A 204 -20.11 -7.09 -6.99
N LYS A 205 -21.17 -6.66 -6.29
CA LYS A 205 -22.17 -5.81 -6.91
C LYS A 205 -21.56 -4.47 -7.33
N ARG A 206 -20.68 -3.91 -6.49
CA ARG A 206 -20.03 -2.67 -6.84
C ARG A 206 -19.12 -2.83 -8.05
N LEU A 207 -18.33 -3.92 -8.08
CA LEU A 207 -17.45 -4.18 -9.22
C LEU A 207 -18.23 -4.42 -10.49
N ASP A 208 -19.42 -5.02 -10.39
CA ASP A 208 -20.19 -5.36 -11.57
C ASP A 208 -20.89 -4.14 -12.19
N GLU A 209 -21.08 -3.06 -11.41
CA GLU A 209 -21.91 -1.94 -11.85
C GLU A 209 -21.23 -0.58 -11.82
N MSE A 210 -20.12 -0.42 -11.12
CA MSE A 210 -19.49 0.90 -10.99
C MSE A 210 -19.07 1.48 -12.34
O MSE A 210 -18.81 0.75 -13.29
CB MSE A 210 -18.27 0.81 -10.08
CG MSE A 210 -17.16 -0.06 -10.65
SE MSE A 210 -15.70 -0.33 -9.36
CE MSE A 210 -15.06 1.51 -9.19
N SER A 211 -19.03 2.81 -12.42
CA SER A 211 -18.55 3.46 -13.62
C SER A 211 -17.04 3.30 -13.75
N LEU A 212 -16.57 3.24 -14.99
CA LEU A 212 -15.14 3.09 -15.30
C LEU A 212 -14.69 4.12 -16.31
N GLU A 213 -15.30 5.32 -16.30
CA GLU A 213 -14.99 6.32 -17.31
C GLU A 213 -13.60 6.92 -17.10
N THR A 214 -13.22 7.16 -15.85
CA THR A 214 -11.96 7.83 -15.54
C THR A 214 -10.90 6.82 -15.11
N ASN A 215 -9.65 7.25 -15.18
CA ASN A 215 -8.54 6.41 -14.74
C ASN A 215 -8.61 6.13 -13.24
N LYS A 216 -9.08 7.11 -12.46
CA LYS A 216 -9.17 6.93 -11.02
C LYS A 216 -10.15 5.83 -10.67
N GLU A 217 -11.26 5.73 -11.41
CA GLU A 217 -12.23 4.67 -11.17
C GLU A 217 -11.67 3.30 -11.52
N ARG A 218 -10.95 3.22 -12.64
CA ARG A 218 -10.35 1.94 -13.03
C ARG A 218 -9.29 1.50 -12.03
N GLU A 219 -8.49 2.46 -11.53
CA GLU A 219 -7.50 2.13 -10.50
C GLU A 219 -8.18 1.63 -9.23
N ASN A 220 -9.20 2.35 -8.77
CA ASN A 220 -9.95 1.92 -7.59
C ASN A 220 -10.53 0.52 -7.80
N GLY A 221 -11.14 0.28 -8.96
CA GLY A 221 -11.76 -1.01 -9.20
C GLY A 221 -10.76 -2.15 -9.29
N LYS A 222 -9.62 -1.92 -9.95
CA LYS A 222 -8.62 -2.95 -10.11
C LYS A 222 -8.08 -3.41 -8.76
N TYR A 223 -7.77 -2.46 -7.87
CA TYR A 223 -7.29 -2.82 -6.54
C TYR A 223 -8.34 -3.64 -5.78
N VAL A 224 -9.61 -3.29 -5.94
CA VAL A 224 -10.67 -4.01 -5.25
C VAL A 224 -10.82 -5.42 -5.82
N LEU A 225 -10.81 -5.52 -7.15
CA LEU A 225 -10.96 -6.83 -7.79
C LEU A 225 -9.80 -7.75 -7.43
N VAL A 226 -8.57 -7.25 -7.56
CA VAL A 226 -7.40 -8.09 -7.35
C VAL A 226 -7.32 -8.57 -5.90
N ASN A 227 -7.63 -7.68 -4.95
CA ASN A 227 -7.49 -8.03 -3.55
C ASN A 227 -8.72 -8.71 -2.97
N LEU A 228 -9.88 -8.59 -3.61
CA LEU A 228 -10.98 -9.49 -3.29
C LEU A 228 -10.59 -10.93 -3.58
N LEU A 229 -9.96 -11.17 -4.73
CA LEU A 229 -9.49 -12.52 -5.05
C LEU A 229 -8.43 -12.99 -4.09
N CYS A 230 -7.47 -12.12 -3.75
CA CYS A 230 -6.48 -12.46 -2.71
C CYS A 230 -7.17 -12.85 -1.42
N TRP A 231 -8.27 -12.16 -1.08
CA TRP A 231 -8.96 -12.40 0.17
C TRP A 231 -9.49 -13.83 0.27
N THR A 232 -9.88 -14.44 -0.86
CA THR A 232 -10.42 -15.79 -0.84
C THR A 232 -9.34 -16.85 -0.67
N VAL A 233 -8.08 -16.53 -0.98
CA VAL A 233 -7.02 -17.53 -0.95
C VAL A 233 -6.86 -18.07 0.46
N ASN A 234 -6.83 -19.40 0.57
CA ASN A 234 -6.59 -20.10 1.84
C ASN A 234 -7.70 -19.87 2.85
N ASN A 235 -8.91 -19.58 2.39
CA ASN A 235 -10.08 -19.42 3.25
C ASN A 235 -11.24 -20.20 2.64
N ARG A 236 -11.70 -21.23 3.36
CA ARG A 236 -12.71 -22.13 2.81
C ARG A 236 -14.01 -21.41 2.49
N PHE A 237 -14.52 -20.61 3.45
CA PHE A 237 -15.80 -19.95 3.24
C PHE A 237 -15.74 -18.98 2.06
N LEU A 238 -14.66 -18.20 1.98
CA LEU A 238 -14.55 -17.22 0.90
C LEU A 238 -14.24 -17.88 -0.43
N THR A 239 -13.43 -18.95 -0.42
CA THR A 239 -13.25 -19.74 -1.63
C THR A 239 -14.57 -20.31 -2.12
N GLU A 240 -15.42 -20.75 -1.19
CA GLU A 240 -16.74 -21.23 -1.57
C GLU A 240 -17.58 -20.11 -2.17
N LYS A 241 -17.44 -18.89 -1.64
CA LYS A 241 -18.13 -17.74 -2.22
C LYS A 241 -17.63 -17.45 -3.63
N TYR A 242 -16.32 -17.55 -3.85
CA TYR A 242 -15.78 -17.42 -5.20
C TYR A 242 -16.38 -18.47 -6.12
N ARG A 243 -16.45 -19.72 -5.64
CA ARG A 243 -16.91 -20.81 -6.48
C ARG A 243 -18.32 -20.55 -7.01
N LYS A 244 -19.21 -20.07 -6.14
CA LYS A 244 -20.61 -19.89 -6.55
C LYS A 244 -20.79 -18.72 -7.49
N LYS A 245 -19.98 -17.67 -7.36
CA LYS A 245 -20.05 -16.50 -8.22
C LYS A 245 -18.92 -16.47 -9.23
N GLN A 246 -18.43 -17.64 -9.62
CA GLN A 246 -17.26 -17.76 -10.49
C GLN A 246 -17.48 -17.05 -11.82
N LEU A 247 -18.66 -17.26 -12.42
CA LEU A 247 -18.92 -16.70 -13.75
C LEU A 247 -19.06 -15.18 -13.71
N GLU A 248 -19.63 -14.65 -12.63
CA GLU A 248 -19.74 -13.19 -12.52
C GLU A 248 -18.37 -12.55 -12.39
N LEU A 249 -17.48 -13.16 -11.60
CA LEU A 249 -16.12 -12.64 -11.46
C LEU A 249 -15.34 -12.72 -12.76
N PHE A 250 -15.63 -13.73 -13.59
CA PHE A 250 -15.02 -13.78 -14.92
C PHE A 250 -15.48 -12.61 -15.78
N ARG A 251 -16.78 -12.31 -15.74
CA ARG A 251 -17.28 -11.14 -16.48
C ARG A 251 -16.66 -9.86 -15.96
N ILE A 252 -16.49 -9.74 -14.65
CA ILE A 252 -15.87 -8.56 -14.07
C ILE A 252 -14.40 -8.48 -14.47
N ALA A 253 -13.69 -9.61 -14.46
CA ALA A 253 -12.27 -9.60 -14.77
C ALA A 253 -12.01 -9.14 -16.20
N LEU A 254 -12.84 -9.58 -17.14
CA LEU A 254 -12.67 -9.19 -18.53
C LEU A 254 -13.11 -7.76 -18.79
N LYS A 255 -13.88 -7.15 -17.88
CA LYS A 255 -14.21 -5.75 -18.01
C LYS A 255 -13.02 -4.88 -17.64
N PHE A 256 -12.32 -5.23 -16.56
CA PHE A 256 -11.14 -4.48 -16.14
C PHE A 256 -9.91 -4.84 -16.98
N TYR A 257 -9.83 -6.06 -17.48
CA TYR A 257 -8.68 -6.53 -18.26
C TYR A 257 -9.18 -7.13 -19.56
N PRO A 258 -9.60 -6.29 -20.52
CA PRO A 258 -10.20 -6.81 -21.76
C PRO A 258 -9.19 -7.36 -22.74
N LYS A 259 -8.05 -6.70 -22.91
CA LYS A 259 -7.04 -7.15 -23.87
C LYS A 259 -6.47 -8.49 -23.44
N THR A 260 -7.22 -9.56 -23.73
CA THR A 260 -6.84 -10.90 -23.27
C THR A 260 -5.48 -11.31 -23.81
N GLY A 261 -5.18 -10.96 -25.07
CA GLY A 261 -3.90 -11.26 -25.65
C GLY A 261 -2.73 -10.49 -25.09
N ASN A 262 -2.97 -9.57 -24.15
CA ASN A 262 -1.91 -8.81 -23.48
C ASN A 262 -1.56 -9.44 -22.13
N LYS A 263 -1.36 -10.75 -22.11
CA LYS A 263 -1.23 -11.51 -20.86
C LYS A 263 -0.11 -10.96 -19.98
N GLU A 264 1.05 -10.68 -20.59
CA GLU A 264 2.23 -10.32 -19.81
C GLU A 264 2.04 -8.98 -19.09
N ALA A 265 1.56 -7.97 -19.81
CA ALA A 265 1.36 -6.66 -19.21
C ALA A 265 0.26 -6.69 -18.15
N ASN A 266 -0.83 -7.41 -18.41
CA ASN A 266 -1.89 -7.51 -17.42
C ASN A 266 -1.43 -8.22 -16.16
N GLU A 267 -0.65 -9.31 -16.31
CA GLU A 267 -0.13 -10.02 -15.15
C GLU A 267 0.75 -9.12 -14.30
N ALA A 268 1.64 -8.35 -14.93
CA ALA A 268 2.48 -7.42 -14.19
C ALA A 268 1.64 -6.38 -13.47
N ASP A 269 0.55 -5.94 -14.10
CA ASP A 269 -0.33 -4.97 -13.45
C ASP A 269 -1.05 -5.60 -12.26
N ILE A 270 -1.49 -6.85 -12.40
CA ILE A 270 -2.22 -7.51 -11.32
C ILE A 270 -1.31 -7.75 -10.14
N ARG A 271 -0.10 -8.27 -10.38
CA ARG A 271 0.81 -8.60 -9.28
C ARG A 271 1.25 -7.35 -8.54
N GLY A 272 1.32 -6.21 -9.22
CA GLY A 272 1.68 -4.97 -8.56
C GLY A 272 0.61 -4.44 -7.61
N ARG A 273 -0.62 -4.95 -7.70
CA ARG A 273 -1.70 -4.53 -6.80
C ARG A 273 -2.01 -5.58 -5.74
N GLN A 274 -1.44 -6.78 -5.85
CA GLN A 274 -1.70 -7.84 -4.89
C GLN A 274 -1.08 -7.54 -3.53
N PHE A 275 -1.68 -8.11 -2.49
CA PHE A 275 -1.08 -8.14 -1.17
C PHE A 275 -1.07 -9.55 -0.58
N CYS A 276 -1.58 -10.52 -1.32
CA CYS A 276 -1.16 -11.90 -1.15
C CYS A 276 -0.04 -12.18 -2.16
N ASP A 277 0.59 -13.34 -2.01
CA ASP A 277 1.61 -13.76 -2.98
C ASP A 277 1.12 -14.88 -3.89
N ALA A 278 -0.15 -15.26 -3.80
CA ALA A 278 -0.65 -16.38 -4.58
C ALA A 278 -0.76 -16.02 -6.05
N ASN A 279 -0.71 -17.04 -6.90
CA ASN A 279 -0.97 -16.89 -8.33
C ASN A 279 -2.45 -16.75 -8.65
N PHE A 280 -3.32 -17.02 -7.68
CA PHE A 280 -4.77 -17.10 -7.93
C PHE A 280 -5.35 -15.88 -8.62
N PRO A 281 -5.08 -14.63 -8.19
CA PRO A 281 -5.65 -13.49 -8.91
C PRO A 281 -5.24 -13.42 -10.37
N VAL A 282 -3.96 -13.65 -10.67
CA VAL A 282 -3.50 -13.66 -12.05
C VAL A 282 -4.18 -14.78 -12.84
N ASN A 283 -4.35 -15.95 -12.22
CA ASN A 283 -4.94 -17.09 -12.92
C ASN A 283 -6.41 -16.84 -13.23
N VAL A 284 -7.15 -16.27 -12.28
CA VAL A 284 -8.56 -15.97 -12.52
C VAL A 284 -8.71 -14.99 -13.67
N ILE A 285 -7.93 -13.91 -13.64
CA ILE A 285 -8.16 -12.79 -14.56
C ILE A 285 -7.61 -13.10 -15.95
N THR A 286 -6.40 -13.65 -16.03
CA THR A 286 -5.73 -13.81 -17.32
C THR A 286 -5.78 -15.23 -17.87
N TRP A 287 -6.30 -16.19 -17.11
CA TRP A 287 -6.29 -17.57 -17.56
C TRP A 287 -7.69 -18.19 -17.52
N PHE A 288 -8.26 -18.31 -16.32
CA PHE A 288 -9.59 -18.91 -16.18
C PHE A 288 -10.62 -18.14 -16.98
N ALA A 289 -10.71 -16.82 -16.75
CA ALA A 289 -11.74 -16.01 -17.41
C ALA A 289 -11.54 -15.99 -18.92
N VAL A 290 -10.28 -16.00 -19.37
CA VAL A 290 -10.02 -15.98 -20.81
C VAL A 290 -10.42 -17.31 -21.45
N SER A 291 -10.31 -18.41 -20.70
CA SER A 291 -10.68 -19.71 -21.25
C SER A 291 -12.19 -19.94 -21.27
N ARG A 292 -12.90 -19.41 -20.28
CA ARG A 292 -14.35 -19.60 -20.23
C ARG A 292 -15.06 -18.79 -21.30
N ALA A 293 -14.62 -17.56 -21.52
CA ALA A 293 -15.19 -16.75 -22.60
C ALA A 293 -15.01 -17.40 -23.96
N ALA A 294 -14.06 -18.32 -24.09
CA ALA A 294 -13.88 -19.08 -25.32
C ALA A 294 -14.13 -20.57 -25.06
S SO4 B . 25.55 5.60 15.45
O1 SO4 B . 26.67 5.40 14.54
O2 SO4 B . 25.32 4.39 16.22
O3 SO4 B . 25.86 6.71 16.36
O4 SO4 B . 24.35 5.92 14.68
S SO4 C . -36.82 -8.39 3.32
O1 SO4 C . -35.43 -8.72 2.98
O2 SO4 C . -37.53 -9.62 3.66
O3 SO4 C . -36.82 -7.51 4.48
O4 SO4 C . -37.46 -7.74 2.19
S SO4 D . -20.52 5.51 -9.98
O1 SO4 D . -20.47 4.17 -10.56
O2 SO4 D . -19.17 6.02 -9.78
O3 SO4 D . -21.21 5.45 -8.69
O4 SO4 D . -21.24 6.38 -10.89
S SO4 E . -7.34 -26.12 5.61
O1 SO4 E . -6.35 -25.93 4.55
O2 SO4 E . -7.44 -27.53 5.97
O3 SO4 E . -6.90 -25.36 6.78
O4 SO4 E . -8.65 -25.65 5.17
N NO3 F . -12.02 -31.51 6.44
O1 NO3 F . -12.58 -30.98 7.45
O2 NO3 F . -12.71 -31.83 5.44
O3 NO3 F . -10.78 -31.71 6.45
N NO3 G . -9.48 10.23 -17.17
O1 NO3 G . -8.61 10.69 -16.37
O2 NO3 G . -10.65 10.73 -17.19
O3 NO3 G . -9.19 9.28 -17.95
#